data_7W5T
#
_entry.id   7W5T
#
_cell.length_a   52.649
_cell.length_b   71.255
_cell.length_c   82.473
_cell.angle_alpha   90.000
_cell.angle_beta   90.000
_cell.angle_gamma   90.000
#
_symmetry.space_group_name_H-M   'P 21 21 21'
#
loop_
_entity.id
_entity.type
_entity.pdbx_description
1 polymer 'nonheme iron and alpha-ketoglutarate dependent halogenase'
2 non-polymer 'CHLORIDE ION'
3 non-polymer 'SULFATE ION'
4 non-polymer '2-OXOGLUTARIC ACID'
5 non-polymer 'FE (II) ION'
6 non-polymer DI(HYDROXYETHYL)ETHER
7 water water
#
_entity_poly.entity_id   1
_entity_poly.type   'polypeptide(L)'
_entity_poly.pdbx_seq_one_letter_code
;AGAGAGAGAGMDVPLMELSGRAPVVRLHDIEADMAAATDAIRSQLTGWGFMAAEVPGIGERVEAMMNEFAAACRATGPSL
SDYAYDVVPQLAVGGTHGFFPYNSEIPRLANGVPDPKEFIHVSGAMIGDQPPGAGDVLRAFPAFGTRAAEVFDIAFRLIS
LFGEVVRGMMPPGTPELDLSHDATNLRVIHYRDVGDREVLAHEHSGIQMLGLQLPPSDQGLQYVLHDGTWVEPVIAGTDV
VLCNIGRMLTSASDGRFRPSTHRVHTKPMPAGYERLSSVLFAYPQHKARQWKMVDGELMSLNATWGDFIDSRFQGLGKQS
;
_entity_poly.pdbx_strand_id   A
#
# COMPACT_ATOMS: atom_id res chain seq x y z
N ASP A 12 12.25 -1.57 24.09
CA ASP A 12 11.26 -0.63 23.49
C ASP A 12 10.18 -1.43 22.72
N VAL A 13 10.50 -1.70 21.46
CA VAL A 13 9.58 -2.35 20.49
C VAL A 13 10.20 -3.65 19.98
N PRO A 14 9.58 -4.81 20.28
CA PRO A 14 10.14 -6.09 19.89
C PRO A 14 10.09 -6.33 18.38
N LEU A 15 11.11 -6.97 17.84
CA LEU A 15 11.16 -7.32 16.41
C LEU A 15 10.28 -8.54 16.22
N MET A 16 9.63 -8.64 15.08
CA MET A 16 8.70 -9.72 14.70
C MET A 16 9.24 -10.39 13.43
N GLU A 17 9.80 -11.60 13.56
CA GLU A 17 10.35 -12.34 12.39
C GLU A 17 9.18 -12.87 11.54
N LEU A 18 9.27 -12.70 10.22
CA LEU A 18 8.23 -13.22 9.28
C LEU A 18 8.84 -14.09 8.17
N SER A 19 10.07 -13.82 7.73
CA SER A 19 10.82 -14.58 6.70
C SER A 19 10.97 -16.02 7.18
N GLY A 20 10.52 -16.96 6.36
CA GLY A 20 10.44 -18.40 6.73
C GLY A 20 9.35 -18.75 7.74
N ARG A 21 8.51 -17.82 8.21
CA ARG A 21 7.33 -18.10 9.11
C ARG A 21 6.01 -17.93 8.35
N ALA A 22 5.86 -16.80 7.63
CA ALA A 22 4.65 -16.40 6.85
C ALA A 22 4.48 -17.35 5.67
N PRO A 23 3.25 -17.50 5.15
CA PRO A 23 3.02 -18.42 4.04
C PRO A 23 3.77 -17.99 2.79
N VAL A 24 4.27 -18.97 2.00
CA VAL A 24 4.97 -18.69 0.71
C VAL A 24 3.96 -18.63 -0.43
N VAL A 25 4.00 -17.51 -1.17
CA VAL A 25 3.13 -17.24 -2.30
C VAL A 25 4.01 -16.91 -3.50
N ARG A 26 4.09 -17.84 -4.44
CA ARG A 26 4.91 -17.63 -5.67
C ARG A 26 4.07 -16.89 -6.70
N LEU A 27 4.65 -15.91 -7.38
CA LEU A 27 3.87 -15.10 -8.35
C LEU A 27 3.52 -15.92 -9.59
N HIS A 28 4.38 -16.90 -9.92
CA HIS A 28 4.12 -17.78 -11.06
C HIS A 28 3.08 -18.83 -10.67
N ASP A 29 2.68 -18.90 -9.39
CA ASP A 29 1.67 -19.88 -8.94
C ASP A 29 0.68 -19.21 -7.97
N ILE A 30 0.29 -17.99 -8.26
CA ILE A 30 -0.27 -17.05 -7.24
C ILE A 30 -1.63 -17.53 -6.73
N GLU A 31 -2.51 -18.00 -7.63
CA GLU A 31 -3.87 -18.44 -7.20
C GLU A 31 -3.81 -19.67 -6.31
N ALA A 32 -3.08 -20.71 -6.71
CA ALA A 32 -2.99 -21.97 -5.95
C ALA A 32 -2.29 -21.63 -4.64
N ASP A 33 -1.26 -20.80 -4.67
CA ASP A 33 -0.51 -20.54 -3.42
C ASP A 33 -1.38 -19.72 -2.47
N MET A 34 -2.15 -18.76 -2.97
CA MET A 34 -3.01 -17.92 -2.10
C MET A 34 -4.13 -18.79 -1.53
N ALA A 35 -4.67 -19.74 -2.29
CA ALA A 35 -5.69 -20.68 -1.76
C ALA A 35 -5.06 -21.52 -0.65
N ALA A 36 -3.84 -22.04 -0.84
CA ALA A 36 -3.17 -22.84 0.21
C ALA A 36 -2.83 -22.01 1.44
N ALA A 37 -2.56 -20.72 1.25
CA ALA A 37 -2.12 -19.79 2.32
C ALA A 37 -3.32 -19.26 3.10
N THR A 38 -4.55 -19.44 2.61
CA THR A 38 -5.69 -18.64 3.12
C THR A 38 -5.95 -18.93 4.60
N ASP A 39 -5.84 -20.17 5.05
CA ASP A 39 -6.09 -20.46 6.47
C ASP A 39 -5.08 -19.74 7.38
N ALA A 40 -3.81 -19.70 6.96
CA ALA A 40 -2.76 -19.01 7.74
C ALA A 40 -3.03 -17.51 7.74
N ILE A 41 -3.39 -16.97 6.58
CA ILE A 41 -3.65 -15.50 6.45
C ILE A 41 -4.83 -15.10 7.33
N ARG A 42 -5.91 -15.87 7.34
CA ARG A 42 -7.07 -15.63 8.24
C ARG A 42 -6.61 -15.65 9.69
N SER A 43 -5.73 -16.55 10.06
CA SER A 43 -5.18 -16.61 11.46
C SER A 43 -4.40 -15.34 11.80
N GLN A 44 -3.67 -14.79 10.84
CA GLN A 44 -2.94 -13.52 11.05
C GLN A 44 -3.91 -12.38 11.29
N LEU A 45 -4.92 -12.28 10.48
CA LEU A 45 -5.85 -11.13 10.60
C LEU A 45 -6.54 -11.21 11.95
N THR A 46 -7.01 -12.40 12.30
CA THR A 46 -7.61 -12.61 13.60
C THR A 46 -6.64 -12.38 14.77
N GLY A 47 -5.42 -12.91 14.69
CA GLY A 47 -4.52 -12.95 15.82
C GLY A 47 -3.71 -11.67 15.97
N TRP A 48 -3.37 -11.00 14.87
CA TRP A 48 -2.44 -9.85 14.85
C TRP A 48 -3.17 -8.55 14.49
N GLY A 49 -4.00 -8.55 13.43
CA GLY A 49 -4.68 -7.35 12.86
C GLY A 49 -4.06 -6.85 11.58
N PHE A 50 -3.08 -7.58 11.03
CA PHE A 50 -2.51 -7.32 9.68
C PHE A 50 -2.08 -8.69 9.15
N MET A 51 -1.81 -8.77 7.87
CA MET A 51 -1.46 -10.06 7.24
C MET A 51 -0.09 -9.97 6.56
N ALA A 52 0.50 -11.12 6.25
CA ALA A 52 1.86 -11.23 5.70
C ALA A 52 1.98 -12.49 4.83
N ALA A 53 2.75 -12.35 3.75
CA ALA A 53 3.11 -13.49 2.90
C ALA A 53 4.54 -13.25 2.43
N GLU A 54 5.27 -14.32 2.19
CA GLU A 54 6.61 -14.28 1.62
C GLU A 54 6.50 -14.61 0.15
N VAL A 55 6.93 -13.67 -0.68
CA VAL A 55 6.74 -13.73 -2.15
C VAL A 55 8.11 -13.79 -2.77
N PRO A 56 8.63 -15.01 -3.05
CA PRO A 56 10.02 -15.14 -3.47
C PRO A 56 10.33 -14.28 -4.69
N GLY A 57 11.45 -13.51 -4.60
CA GLY A 57 11.93 -12.65 -5.68
C GLY A 57 11.35 -11.25 -5.64
N ILE A 58 10.30 -11.00 -4.84
CA ILE A 58 9.62 -9.68 -4.95
C ILE A 58 10.60 -8.61 -4.44
N GLY A 59 11.44 -8.94 -3.47
CA GLY A 59 12.32 -7.95 -2.82
C GLY A 59 13.24 -7.33 -3.86
N GLU A 60 13.90 -8.14 -4.68
CA GLU A 60 14.83 -7.59 -5.72
C GLU A 60 14.05 -6.74 -6.72
N ARG A 61 12.80 -7.09 -7.02
CA ARG A 61 12.04 -6.28 -8.00
C ARG A 61 11.73 -4.90 -7.39
N VAL A 62 11.26 -4.90 -6.16
CA VAL A 62 10.91 -3.65 -5.43
C VAL A 62 12.17 -2.82 -5.19
N GLU A 63 13.29 -3.42 -4.76
CA GLU A 63 14.57 -2.70 -4.51
C GLU A 63 14.99 -1.98 -5.81
N ALA A 64 14.99 -2.66 -6.95
CA ALA A 64 15.39 -2.05 -8.25
C ALA A 64 14.46 -0.88 -8.58
N MET A 65 13.15 -1.08 -8.43
CA MET A 65 12.15 -0.03 -8.70
C MET A 65 12.42 1.21 -7.80
N MET A 66 12.66 1.01 -6.51
CA MET A 66 12.88 2.12 -5.55
C MET A 66 14.21 2.80 -5.87
N ASN A 67 15.23 2.03 -6.29
CA ASN A 67 16.54 2.61 -6.65
C ASN A 67 16.36 3.52 -7.86
N GLU A 68 15.55 3.14 -8.86
CA GLU A 68 15.25 4.01 -10.02
C GLU A 68 14.48 5.25 -9.54
N PHE A 69 13.59 5.09 -8.56
CA PHE A 69 12.84 6.27 -8.05
C PHE A 69 13.82 7.25 -7.38
N ALA A 70 14.77 6.72 -6.60
CA ALA A 70 15.77 7.59 -5.96
C ALA A 70 16.59 8.34 -7.02
N ALA A 71 16.96 7.64 -8.09
CA ALA A 71 17.80 8.22 -9.17
C ALA A 71 16.96 9.31 -9.83
N ALA A 72 15.66 9.06 -10.02
CA ALA A 72 14.73 10.02 -10.62
C ALA A 72 14.66 11.26 -9.74
N CYS A 73 14.64 11.10 -8.41
CA CYS A 73 14.59 12.21 -7.43
C CYS A 73 15.84 13.10 -7.55
N ARG A 74 16.95 12.58 -8.01
CA ARG A 74 18.26 13.30 -8.14
C ARG A 74 18.46 13.88 -9.54
N ALA A 75 17.61 13.56 -10.50
CA ALA A 75 18.00 13.61 -11.94
C ALA A 75 18.05 15.08 -12.37
N THR A 76 18.91 15.42 -13.37
CA THR A 76 19.21 16.84 -13.75
C THR A 76 18.68 17.18 -15.15
N GLY A 77 17.67 16.44 -15.62
CA GLY A 77 17.13 16.53 -16.98
C GLY A 77 17.02 15.13 -17.59
N PRO A 78 15.81 14.57 -17.77
CA PRO A 78 14.56 15.22 -17.31
C PRO A 78 14.53 15.42 -15.78
N SER A 79 13.60 16.23 -15.23
CA SER A 79 13.46 16.56 -13.79
C SER A 79 12.12 16.08 -13.21
N LEU A 80 12.08 15.50 -11.98
CA LEU A 80 10.82 14.94 -11.38
C LEU A 80 9.85 16.05 -10.99
N SER A 81 10.31 17.22 -10.58
CA SER A 81 9.36 18.24 -10.06
C SER A 81 8.55 18.85 -11.21
N ASP A 82 8.95 18.64 -12.46
CA ASP A 82 8.10 18.99 -13.64
C ASP A 82 6.88 18.06 -13.72
N TYR A 83 6.80 16.98 -12.92
CA TYR A 83 5.62 16.09 -12.88
C TYR A 83 4.99 16.13 -11.50
N ALA A 84 5.19 17.24 -10.79
CA ALA A 84 4.48 17.46 -9.52
C ALA A 84 2.99 17.38 -9.77
N TYR A 85 2.21 17.00 -8.78
CA TYR A 85 0.78 16.69 -8.95
C TYR A 85 0.03 17.92 -9.50
N ASP A 86 0.47 19.13 -9.16
CA ASP A 86 -0.26 20.34 -9.61
C ASP A 86 0.05 20.66 -11.07
N VAL A 87 1.03 20.04 -11.72
CA VAL A 87 1.22 20.21 -13.19
C VAL A 87 0.84 18.93 -13.94
N VAL A 88 0.16 17.96 -13.30
CA VAL A 88 -0.19 16.64 -13.93
C VAL A 88 -1.69 16.58 -14.10
N PRO A 89 -2.23 16.16 -15.28
CA PRO A 89 -3.66 16.03 -15.40
C PRO A 89 -4.22 15.05 -14.37
N GLN A 90 -5.33 15.42 -13.74
CA GLN A 90 -6.03 14.64 -12.68
C GLN A 90 -7.41 14.28 -13.19
N LEU A 91 -7.95 13.13 -12.76
CA LEU A 91 -9.32 12.67 -13.14
C LEU A 91 -10.31 13.65 -12.50
N ALA A 92 -11.41 13.94 -13.20
CA ALA A 92 -12.52 14.81 -12.72
C ALA A 92 -12.94 14.30 -11.35
N VAL A 93 -13.07 12.97 -11.25
CA VAL A 93 -13.37 12.24 -9.99
C VAL A 93 -12.20 11.32 -9.63
N GLY A 94 -11.55 11.53 -8.51
CA GLY A 94 -10.37 10.69 -8.25
C GLY A 94 -9.50 11.29 -7.19
N GLY A 95 -8.48 10.56 -6.79
CA GLY A 95 -7.40 11.07 -5.96
C GLY A 95 -6.43 11.84 -6.82
N THR A 96 -5.34 12.25 -6.21
CA THR A 96 -4.30 13.06 -6.83
C THR A 96 -3.18 12.07 -7.08
N HIS A 97 -2.81 11.91 -8.33
CA HIS A 97 -1.59 11.15 -8.66
C HIS A 97 -0.49 12.13 -9.04
N GLY A 98 0.74 11.63 -9.19
CA GLY A 98 1.90 12.40 -9.58
C GLY A 98 2.89 12.55 -8.45
N PHE A 99 3.84 13.46 -8.66
CA PHE A 99 4.97 13.66 -7.71
C PHE A 99 4.56 14.66 -6.64
N PHE A 100 4.97 14.40 -5.40
CA PHE A 100 4.69 15.19 -4.18
C PHE A 100 6.04 15.60 -3.63
N PRO A 101 6.54 16.79 -3.96
CA PRO A 101 7.82 17.24 -3.41
C PRO A 101 7.82 17.28 -1.87
N TYR A 102 9.02 17.21 -1.32
CA TYR A 102 9.41 17.59 0.07
C TYR A 102 8.73 18.91 0.44
N ASP A 115 6.34 15.47 7.20
CA ASP A 115 7.28 14.31 7.14
C ASP A 115 8.49 14.68 6.27
N PRO A 116 9.73 14.26 6.64
CA PRO A 116 10.91 14.51 5.81
C PRO A 116 11.01 13.53 4.62
N LYS A 117 10.16 13.71 3.62
CA LYS A 117 10.09 12.76 2.47
C LYS A 117 9.57 13.49 1.24
N GLU A 118 9.89 12.91 0.11
CA GLU A 118 9.26 13.19 -1.19
C GLU A 118 8.71 11.84 -1.68
N PHE A 119 7.62 11.84 -2.44
CA PHE A 119 7.01 10.59 -2.86
C PHE A 119 6.24 10.81 -4.15
N ILE A 120 5.92 9.69 -4.77
CA ILE A 120 5.09 9.74 -6.00
C ILE A 120 3.95 8.77 -5.79
N HIS A 121 2.78 9.12 -6.34
CA HIS A 121 1.62 8.23 -6.50
C HIS A 121 1.51 7.86 -7.98
N VAL A 122 1.78 6.59 -8.31
CA VAL A 122 1.57 6.00 -9.63
C VAL A 122 0.23 5.27 -9.56
N SER A 123 -0.76 5.75 -10.14
CA SER A 123 -2.12 5.19 -10.16
C SER A 123 -2.27 4.23 -11.35
N GLY A 124 -3.25 3.48 -11.30
CA GLY A 124 -3.62 2.64 -12.46
C GLY A 124 -4.03 3.52 -13.66
N ALA A 125 -4.64 4.63 -13.37
CA ALA A 125 -5.05 5.59 -14.40
C ALA A 125 -3.81 6.14 -15.10
N MET A 126 -2.80 6.53 -14.30
CA MET A 126 -1.53 7.04 -14.86
C MET A 126 -0.88 5.99 -15.76
N ILE A 127 -0.84 4.75 -15.35
CA ILE A 127 -0.24 3.68 -16.19
C ILE A 127 -0.96 3.63 -17.52
N GLY A 128 -2.25 3.90 -17.56
CA GLY A 128 -3.10 3.92 -18.77
C GLY A 128 -3.11 5.27 -19.48
N ASP A 129 -2.36 6.24 -18.97
CA ASP A 129 -2.30 7.65 -19.48
C ASP A 129 -3.68 8.29 -19.42
N GLN A 130 -4.36 8.17 -18.28
CA GLN A 130 -5.69 8.74 -18.01
C GLN A 130 -5.58 9.72 -16.86
N PRO A 131 -6.03 10.99 -16.98
CA PRO A 131 -6.40 11.62 -18.25
C PRO A 131 -5.16 11.74 -19.14
N PRO A 132 -5.30 11.98 -20.45
CA PRO A 132 -4.15 12.11 -21.33
C PRO A 132 -3.09 13.06 -20.76
N GLY A 133 -1.86 12.58 -20.69
CA GLY A 133 -0.72 13.34 -20.16
C GLY A 133 -0.37 12.88 -18.77
N ALA A 134 -1.27 12.13 -18.10
CA ALA A 134 -1.00 11.63 -16.73
C ALA A 134 0.21 10.71 -16.78
N GLY A 135 0.38 9.96 -17.87
CA GLY A 135 1.48 9.01 -18.05
C GLY A 135 2.84 9.65 -18.30
N ASP A 136 2.91 10.99 -18.42
CA ASP A 136 4.15 11.63 -18.95
C ASP A 136 5.34 11.30 -18.02
N VAL A 137 5.14 11.25 -16.71
CA VAL A 137 6.30 11.03 -15.79
C VAL A 137 6.89 9.64 -16.09
N LEU A 138 6.04 8.66 -16.40
CA LEU A 138 6.51 7.29 -16.69
C LEU A 138 7.35 7.27 -17.97
N ARG A 139 7.05 8.17 -18.91
CA ARG A 139 7.86 8.26 -20.16
C ARG A 139 9.12 9.09 -19.92
N ALA A 140 9.06 10.12 -19.08
CA ALA A 140 10.23 10.97 -18.78
C ALA A 140 11.27 10.14 -18.06
N PHE A 141 10.84 9.20 -17.19
CA PHE A 141 11.75 8.38 -16.35
C PHE A 141 11.44 6.92 -16.64
N PRO A 142 11.84 6.36 -17.78
CA PRO A 142 11.31 5.09 -18.25
C PRO A 142 11.84 3.90 -17.44
N ALA A 143 13.06 4.02 -16.91
CA ALA A 143 13.64 2.92 -16.10
C ALA A 143 12.75 2.75 -14.87
N PHE A 144 12.45 3.86 -14.22
CA PHE A 144 11.54 3.85 -13.06
C PHE A 144 10.15 3.44 -13.54
N GLY A 145 9.69 4.02 -14.65
CA GLY A 145 8.28 3.85 -15.05
C GLY A 145 7.94 2.40 -15.39
N THR A 146 8.85 1.69 -16.07
CA THR A 146 8.67 0.26 -16.39
C THR A 146 8.56 -0.54 -15.09
N ARG A 147 9.43 -0.24 -14.18
CA ARG A 147 9.48 -1.03 -12.93
C ARG A 147 8.31 -0.66 -12.00
N ALA A 148 7.91 0.60 -12.04
CA ALA A 148 6.72 1.01 -11.24
C ALA A 148 5.50 0.26 -11.74
N ALA A 149 5.32 0.17 -13.06
CA ALA A 149 4.15 -0.57 -13.62
C ALA A 149 4.28 -2.05 -13.27
N GLU A 150 5.46 -2.66 -13.32
CA GLU A 150 5.69 -4.08 -12.98
C GLU A 150 5.25 -4.31 -11.54
N VAL A 151 5.71 -3.47 -10.64
CA VAL A 151 5.46 -3.63 -9.17
C VAL A 151 3.99 -3.33 -8.89
N PHE A 152 3.41 -2.33 -9.53
CA PHE A 152 1.96 -2.03 -9.36
C PHE A 152 1.18 -3.31 -9.65
N ASP A 153 1.49 -3.92 -10.82
CA ASP A 153 0.73 -5.10 -11.29
C ASP A 153 0.89 -6.28 -10.32
N ILE A 154 2.11 -6.53 -9.85
CA ILE A 154 2.37 -7.62 -8.89
C ILE A 154 1.54 -7.32 -7.65
N ALA A 155 1.65 -6.09 -7.15
CA ALA A 155 1.00 -5.74 -5.86
C ALA A 155 -0.52 -5.85 -6.04
N PHE A 156 -1.06 -5.41 -7.17
CA PHE A 156 -2.52 -5.39 -7.37
C PHE A 156 -3.03 -6.83 -7.40
N ARG A 157 -2.27 -7.74 -8.02
CA ARG A 157 -2.68 -9.18 -8.02
C ARG A 157 -2.71 -9.73 -6.62
N LEU A 158 -1.67 -9.45 -5.83
CA LEU A 158 -1.57 -9.96 -4.45
C LEU A 158 -2.71 -9.36 -3.65
N ILE A 159 -2.89 -8.06 -3.73
CA ILE A 159 -3.81 -7.41 -2.79
C ILE A 159 -5.24 -7.82 -3.16
N SER A 160 -5.53 -8.09 -4.42
CA SER A 160 -6.89 -8.52 -4.82
C SER A 160 -7.19 -9.88 -4.17
N LEU A 161 -6.17 -10.77 -4.12
CA LEU A 161 -6.29 -12.08 -3.44
C LEU A 161 -6.34 -11.92 -1.94
N PHE A 162 -5.62 -10.97 -1.30
CA PHE A 162 -5.85 -10.74 0.14
C PHE A 162 -7.30 -10.30 0.37
N GLY A 163 -7.83 -9.52 -0.56
CA GLY A 163 -9.21 -9.00 -0.45
C GLY A 163 -10.20 -10.15 -0.46
N GLU A 164 -10.08 -11.19 -1.22
CA GLU A 164 -10.86 -12.44 -1.17
C GLU A 164 -10.58 -13.19 0.16
N VAL A 165 -9.45 -13.23 0.67
CA VAL A 165 -9.29 -13.84 2.00
C VAL A 165 -10.22 -13.12 2.99
N VAL A 166 -10.13 -11.79 3.06
CA VAL A 166 -10.95 -11.02 4.06
C VAL A 166 -12.42 -11.22 3.76
N ARG A 167 -12.84 -11.14 2.51
CA ARG A 167 -14.25 -11.38 2.13
C ARG A 167 -14.72 -12.76 2.56
N GLY A 168 -13.87 -13.79 2.41
CA GLY A 168 -14.20 -15.17 2.85
C GLY A 168 -14.39 -15.28 4.34
N MET A 169 -13.89 -14.35 5.14
CA MET A 169 -14.06 -14.29 6.60
C MET A 169 -15.38 -13.63 6.98
N MET A 170 -16.00 -12.94 6.04
CA MET A 170 -17.19 -12.11 6.33
C MET A 170 -18.46 -12.91 6.02
N PRO A 171 -19.67 -12.37 6.34
CA PRO A 171 -20.90 -13.14 6.18
C PRO A 171 -21.16 -13.51 4.74
N PRO A 172 -22.06 -14.48 4.53
CA PRO A 172 -22.48 -14.85 3.18
C PRO A 172 -23.15 -13.64 2.55
N GLY A 173 -22.98 -13.47 1.27
CA GLY A 173 -23.59 -12.26 0.68
C GLY A 173 -22.65 -11.07 0.73
N THR A 174 -21.50 -11.15 1.37
CA THR A 174 -20.56 -10.00 1.32
C THR A 174 -20.18 -9.75 -0.13
N PRO A 175 -20.34 -8.53 -0.64
CA PRO A 175 -19.99 -8.23 -2.04
C PRO A 175 -18.50 -8.42 -2.32
N GLU A 176 -18.14 -8.71 -3.57
CA GLU A 176 -16.75 -8.62 -4.06
C GLU A 176 -16.27 -7.22 -3.71
N LEU A 177 -15.01 -7.10 -3.29
CA LEU A 177 -14.51 -5.75 -2.89
C LEU A 177 -14.49 -4.87 -4.14
N ASP A 178 -14.28 -5.42 -5.33
CA ASP A 178 -14.33 -4.65 -6.60
C ASP A 178 -13.33 -3.48 -6.53
N LEU A 179 -12.11 -3.84 -6.16
CA LEU A 179 -10.98 -2.89 -6.17
C LEU A 179 -10.83 -2.40 -7.60
N SER A 180 -10.63 -1.10 -7.72
CA SER A 180 -10.49 -0.40 -9.01
C SER A 180 -9.01 -0.33 -9.38
N HIS A 181 -8.67 -0.85 -10.55
CA HIS A 181 -7.29 -0.67 -11.08
C HIS A 181 -6.95 0.82 -11.13
N ASP A 182 -7.80 1.63 -11.77
CA ASP A 182 -7.45 3.03 -12.04
C ASP A 182 -7.39 3.86 -10.75
N ALA A 183 -8.22 3.56 -9.76
CA ALA A 183 -8.28 4.32 -8.49
C ALA A 183 -7.17 3.88 -7.53
N THR A 184 -6.55 2.74 -7.77
CA THR A 184 -5.49 2.17 -6.92
C THR A 184 -4.18 2.92 -7.21
N ASN A 185 -3.40 3.21 -6.18
CA ASN A 185 -2.13 3.95 -6.27
C ASN A 185 -0.97 3.17 -5.67
N LEU A 186 0.16 3.18 -6.37
CA LEU A 186 1.42 2.75 -5.79
C LEU A 186 2.14 3.98 -5.27
N ARG A 187 2.34 4.06 -3.97
CA ARG A 187 3.11 5.16 -3.40
C ARG A 187 4.56 4.69 -3.26
N VAL A 188 5.49 5.49 -3.78
CA VAL A 188 6.94 5.22 -3.69
C VAL A 188 7.59 6.41 -2.97
N ILE A 189 8.24 6.13 -1.83
CA ILE A 189 8.63 7.18 -0.85
C ILE A 189 10.15 7.20 -0.74
N HIS A 190 10.72 8.40 -0.72
CA HIS A 190 12.14 8.67 -0.46
C HIS A 190 12.23 9.61 0.73
N TYR A 191 12.55 9.07 1.87
CA TYR A 191 12.83 9.82 3.09
C TYR A 191 14.28 10.32 2.99
N ARG A 192 14.51 11.57 3.36
CA ARG A 192 15.88 12.14 3.30
C ARG A 192 15.90 13.42 4.13
N ASP A 193 17.10 13.87 4.49
CA ASP A 193 17.28 15.08 5.35
C ASP A 193 16.30 14.99 6.53
N VAL A 194 16.33 13.87 7.25
CA VAL A 194 15.36 13.61 8.34
C VAL A 194 15.85 14.32 9.62
N GLY A 195 17.12 14.76 9.62
CA GLY A 195 17.73 15.39 10.80
C GLY A 195 17.50 14.62 12.06
N ASP A 196 16.93 15.24 13.10
CA ASP A 196 16.77 14.66 14.45
C ASP A 196 15.46 13.88 14.60
N ARG A 197 14.67 13.72 13.54
CA ARG A 197 13.38 12.99 13.69
C ARG A 197 13.60 11.60 14.26
N GLU A 198 12.71 11.20 15.17
CA GLU A 198 12.55 9.81 15.60
C GLU A 198 11.37 9.24 14.79
N VAL A 199 10.39 10.08 14.48
CA VAL A 199 9.10 9.66 13.87
C VAL A 199 9.18 10.08 12.40
N LEU A 200 9.34 9.11 11.52
CA LEU A 200 9.36 9.37 10.05
C LEU A 200 7.93 9.33 9.51
N ALA A 201 7.06 8.54 10.12
CA ALA A 201 5.62 8.51 9.80
C ALA A 201 4.83 8.31 11.10
N HIS A 202 3.92 9.24 11.43
CA HIS A 202 3.16 9.21 12.67
C HIS A 202 2.20 8.01 12.63
N GLU A 203 1.65 7.68 13.76
CA GLU A 203 0.68 6.55 13.88
C GLU A 203 -0.54 6.83 12.99
N HIS A 204 -0.87 5.90 12.09
CA HIS A 204 -1.97 6.15 11.13
C HIS A 204 -2.46 4.85 10.52
N SER A 205 -3.54 4.93 9.76
CA SER A 205 -3.99 3.84 8.87
C SER A 205 -4.43 4.43 7.56
N GLY A 206 -4.53 3.59 6.55
CA GLY A 206 -4.98 4.04 5.22
C GLY A 206 -6.47 4.27 5.22
N ILE A 207 -6.92 5.27 4.47
CA ILE A 207 -8.37 5.54 4.32
C ILE A 207 -9.02 4.46 3.47
N GLN A 208 -8.25 3.74 2.65
CA GLN A 208 -8.82 2.96 1.53
C GLN A 208 -9.23 1.56 2.00
N MET A 209 -9.44 0.62 1.07
N MET A 209 -9.44 0.62 1.08
CA MET A 209 -9.88 -0.76 1.40
CA MET A 209 -9.88 -0.75 1.48
C MET A 209 -8.72 -1.53 2.02
C MET A 209 -8.70 -1.55 2.03
N LEU A 210 -7.60 -1.63 1.30
CA LEU A 210 -6.44 -2.44 1.69
C LEU A 210 -5.17 -1.70 1.29
N GLY A 211 -4.11 -1.97 2.04
CA GLY A 211 -2.74 -1.57 1.68
C GLY A 211 -1.86 -2.77 1.50
N LEU A 212 -0.93 -2.70 0.59
CA LEU A 212 0.12 -3.76 0.49
C LEU A 212 1.49 -3.11 0.63
N GLN A 213 2.11 -3.35 1.77
CA GLN A 213 3.41 -2.79 2.12
C GLN A 213 4.46 -3.72 1.50
N LEU A 214 5.28 -3.18 0.64
CA LEU A 214 6.33 -3.93 -0.05
C LEU A 214 7.61 -3.81 0.78
N PRO A 215 8.58 -4.72 0.62
CA PRO A 215 9.75 -4.70 1.48
C PRO A 215 10.52 -3.39 1.32
N PRO A 216 10.72 -2.63 2.41
CA PRO A 216 11.42 -1.35 2.34
C PRO A 216 12.94 -1.53 2.41
N SER A 217 13.65 -0.42 2.28
CA SER A 217 15.13 -0.43 2.27
C SER A 217 15.70 -0.52 3.68
N ASP A 218 14.93 -0.26 4.70
CA ASP A 218 15.44 -0.26 6.08
C ASP A 218 14.31 -0.58 7.03
N GLN A 219 14.69 -0.91 8.26
CA GLN A 219 13.73 -1.16 9.33
C GLN A 219 13.07 0.13 9.78
N GLY A 220 12.09 0.00 10.67
CA GLY A 220 11.45 1.17 11.29
C GLY A 220 9.95 1.10 11.23
N LEU A 221 9.38 0.44 10.23
CA LEU A 221 7.91 0.33 10.17
C LEU A 221 7.48 -0.59 11.30
N GLN A 222 6.47 -0.15 12.05
CA GLN A 222 5.96 -0.83 13.24
C GLN A 222 4.44 -0.85 13.15
N TYR A 223 3.84 -1.90 13.71
CA TYR A 223 2.40 -2.13 13.77
C TYR A 223 1.94 -2.39 15.19
N VAL A 224 0.71 -2.02 15.47
CA VAL A 224 0.08 -2.33 16.78
C VAL A 224 -0.68 -3.65 16.62
N LEU A 225 -0.58 -4.44 17.68
CA LEU A 225 -1.33 -5.71 17.79
C LEU A 225 -2.67 -5.42 18.49
N HIS A 226 -3.57 -6.39 18.49
CA HIS A 226 -4.91 -6.20 19.09
C HIS A 226 -4.85 -5.81 20.57
N ASP A 227 -3.80 -6.23 21.30
CA ASP A 227 -3.69 -5.90 22.75
C ASP A 227 -3.03 -4.55 22.98
N GLY A 228 -2.72 -3.79 21.92
CA GLY A 228 -2.08 -2.49 22.06
C GLY A 228 -0.56 -2.55 22.08
N THR A 229 0.06 -3.71 21.91
CA THR A 229 1.53 -3.86 21.87
C THR A 229 2.02 -3.50 20.47
N TRP A 230 3.02 -2.64 20.41
CA TRP A 230 3.67 -2.32 19.11
C TRP A 230 4.79 -3.34 18.87
N VAL A 231 4.93 -3.77 17.63
CA VAL A 231 5.97 -4.71 17.19
C VAL A 231 6.54 -4.15 15.89
N GLU A 232 7.70 -4.66 15.51
CA GLU A 232 8.46 -4.20 14.31
C GLU A 232 8.74 -5.39 13.41
N PRO A 233 7.88 -5.58 12.38
CA PRO A 233 8.15 -6.64 11.40
C PRO A 233 9.58 -6.51 10.87
N VAL A 234 10.22 -7.66 10.76
CA VAL A 234 11.52 -7.77 10.08
C VAL A 234 11.23 -7.94 8.59
N ILE A 235 11.33 -6.85 7.86
CA ILE A 235 10.90 -6.82 6.42
C ILE A 235 11.96 -6.18 5.54
N ALA A 236 12.89 -5.41 6.07
CA ALA A 236 13.85 -4.73 5.17
C ALA A 236 14.70 -5.78 4.50
N GLY A 237 14.82 -5.64 3.17
CA GLY A 237 15.61 -6.49 2.29
C GLY A 237 15.12 -7.92 2.30
N THR A 238 13.84 -8.16 2.63
CA THR A 238 13.25 -9.50 2.60
C THR A 238 12.34 -9.60 1.37
N ASP A 239 11.65 -10.73 1.25
CA ASP A 239 10.57 -10.92 0.24
C ASP A 239 9.22 -10.90 0.92
N VAL A 240 9.16 -10.36 2.13
CA VAL A 240 7.87 -10.35 2.87
C VAL A 240 7.08 -9.11 2.47
N VAL A 241 5.81 -9.30 2.17
CA VAL A 241 4.83 -8.21 1.98
C VAL A 241 3.84 -8.24 3.17
N LEU A 242 3.34 -7.07 3.54
CA LEU A 242 2.30 -6.98 4.59
C LEU A 242 1.03 -6.46 3.93
N CYS A 243 -0.10 -6.97 4.37
CA CYS A 243 -1.40 -6.49 3.89
C CYS A 243 -2.12 -5.82 5.07
N ASN A 244 -2.53 -4.57 4.85
CA ASN A 244 -3.10 -3.68 5.86
C ASN A 244 -4.58 -3.57 5.61
N ILE A 245 -5.40 -3.73 6.63
CA ILE A 245 -6.82 -3.24 6.60
C ILE A 245 -6.85 -1.71 6.57
N GLY A 246 -7.58 -1.13 5.62
CA GLY A 246 -7.88 0.29 5.61
C GLY A 246 -9.26 0.57 6.15
N ARG A 247 -9.48 1.86 6.38
CA ARG A 247 -10.71 2.36 7.05
C ARG A 247 -11.96 2.05 6.23
N MET A 248 -11.90 1.98 4.89
CA MET A 248 -13.08 1.63 4.08
C MET A 248 -13.49 0.20 4.45
N LEU A 249 -12.55 -0.73 4.65
CA LEU A 249 -12.87 -2.11 5.03
C LEU A 249 -13.29 -2.22 6.49
N THR A 250 -12.73 -1.40 7.37
CA THR A 250 -13.26 -1.29 8.75
C THR A 250 -14.76 -0.91 8.64
N SER A 251 -15.09 0.08 7.82
CA SER A 251 -16.49 0.53 7.67
C SER A 251 -17.32 -0.62 7.08
N ALA A 252 -16.88 -1.22 5.98
CA ALA A 252 -17.66 -2.24 5.24
C ALA A 252 -17.88 -3.46 6.13
N SER A 253 -16.96 -3.69 7.08
CA SER A 253 -17.03 -4.83 8.02
C SER A 253 -17.74 -4.45 9.33
N ASP A 254 -18.31 -3.25 9.40
CA ASP A 254 -19.05 -2.74 10.60
C ASP A 254 -18.13 -2.81 11.82
N GLY A 255 -16.84 -2.51 11.63
CA GLY A 255 -15.88 -2.38 12.74
C GLY A 255 -15.26 -3.70 13.13
N ARG A 256 -15.58 -4.79 12.45
CA ARG A 256 -15.02 -6.10 12.84
C ARG A 256 -13.50 -6.09 12.65
N PHE A 257 -13.07 -5.57 11.52
CA PHE A 257 -11.60 -5.53 11.24
C PHE A 257 -11.13 -4.11 11.45
N ARG A 258 -10.39 -3.86 12.56
CA ARG A 258 -9.85 -2.52 12.85
C ARG A 258 -8.85 -2.18 11.75
N PRO A 259 -8.61 -0.89 11.52
CA PRO A 259 -7.54 -0.50 10.59
C PRO A 259 -6.20 -1.06 11.11
N SER A 260 -5.30 -1.49 10.21
CA SER A 260 -3.95 -2.01 10.61
C SER A 260 -3.00 -0.85 10.93
N THR A 261 -3.31 -0.10 12.00
CA THR A 261 -2.56 1.10 12.43
C THR A 261 -1.07 0.80 12.49
N HIS A 262 -0.28 1.70 11.92
CA HIS A 262 1.17 1.53 11.76
C HIS A 262 1.86 2.89 11.87
N ARG A 263 3.20 2.84 11.92
CA ARG A 263 4.05 4.05 12.05
C ARG A 263 5.46 3.72 11.58
N VAL A 264 6.30 4.72 11.40
CA VAL A 264 7.71 4.47 11.05
C VAL A 264 8.53 5.24 12.05
N HIS A 265 9.39 4.50 12.78
CA HIS A 265 10.34 5.10 13.77
C HIS A 265 11.75 4.91 13.28
N THR A 266 12.66 5.70 13.82
CA THR A 266 14.10 5.45 13.59
C THR A 266 14.83 5.91 14.86
N LYS A 267 15.96 5.27 15.15
CA LYS A 267 16.98 5.83 16.08
C LYS A 267 17.55 7.07 15.40
N PRO A 268 18.00 8.12 16.13
CA PRO A 268 18.49 9.33 15.46
C PRO A 268 19.62 8.94 14.49
N MET A 269 19.57 9.46 13.27
CA MET A 269 20.44 8.97 12.15
C MET A 269 21.46 10.03 11.71
N PRO A 270 22.57 9.66 11.03
CA PRO A 270 23.53 10.64 10.50
C PRO A 270 23.05 11.38 9.24
N ALA A 271 23.75 12.47 8.85
CA ALA A 271 23.30 13.32 7.73
C ALA A 271 23.49 12.45 6.47
N GLY A 272 22.62 12.60 5.50
CA GLY A 272 22.70 11.78 4.27
C GLY A 272 21.98 10.44 4.43
N TYR A 273 21.53 10.05 5.63
CA TYR A 273 20.68 8.84 5.82
C TYR A 273 19.47 8.98 4.89
N GLU A 274 19.10 7.87 4.24
CA GLU A 274 17.91 7.86 3.36
C GLU A 274 17.18 6.54 3.60
N ARG A 275 15.87 6.55 3.32
CA ARG A 275 15.05 5.31 3.41
C ARG A 275 14.11 5.33 2.21
N LEU A 276 13.91 4.16 1.60
CA LEU A 276 12.97 4.01 0.49
C LEU A 276 11.92 2.99 0.89
N SER A 277 10.68 3.30 0.60
CA SER A 277 9.57 2.40 0.93
C SER A 277 8.49 2.55 -0.11
N SER A 278 7.75 1.48 -0.37
CA SER A 278 6.63 1.59 -1.32
C SER A 278 5.48 0.77 -0.77
N VAL A 279 4.29 1.24 -1.06
CA VAL A 279 3.02 0.64 -0.57
C VAL A 279 1.95 0.86 -1.61
N LEU A 280 1.15 -0.18 -1.87
CA LEU A 280 0.01 -0.06 -2.77
C LEU A 280 -1.22 0.26 -1.94
N PHE A 281 -1.91 1.31 -2.31
CA PHE A 281 -3.20 1.67 -1.68
C PHE A 281 -4.32 1.26 -2.61
N ALA A 282 -5.10 0.25 -2.24
CA ALA A 282 -6.16 -0.26 -3.13
C ALA A 282 -7.52 0.36 -2.78
N TYR A 283 -8.14 0.98 -3.77
CA TYR A 283 -9.41 1.72 -3.62
C TYR A 283 -10.43 1.03 -4.49
N PRO A 284 -11.71 1.04 -4.06
CA PRO A 284 -12.80 0.73 -4.98
C PRO A 284 -13.07 1.97 -5.86
N GLN A 285 -14.02 1.81 -6.76
CA GLN A 285 -14.47 2.94 -7.60
C GLN A 285 -15.02 4.06 -6.73
N HIS A 286 -14.57 5.29 -6.92
CA HIS A 286 -15.02 6.44 -6.11
C HIS A 286 -16.53 6.65 -6.29
N LYS A 287 -17.03 6.41 -7.50
CA LYS A 287 -18.45 6.73 -7.81
C LYS A 287 -19.35 5.62 -7.28
N ALA A 288 -18.82 4.44 -6.91
CA ALA A 288 -19.64 3.28 -6.46
C ALA A 288 -20.24 3.59 -5.09
N ARG A 289 -21.46 3.14 -4.86
CA ARG A 289 -22.13 3.33 -3.55
C ARG A 289 -21.45 2.44 -2.52
N GLN A 290 -21.36 2.95 -1.32
CA GLN A 290 -20.86 2.20 -0.15
C GLN A 290 -21.82 1.06 0.19
N TRP A 291 -21.31 0.15 0.98
CA TRP A 291 -22.07 -0.94 1.60
C TRP A 291 -21.41 -1.27 2.94
N LYS A 292 -22.16 -1.99 3.78
CA LYS A 292 -21.64 -2.52 5.04
C LYS A 292 -22.33 -3.85 5.27
N MET A 293 -21.61 -4.80 5.81
CA MET A 293 -22.25 -6.02 6.36
C MET A 293 -22.60 -5.75 7.81
N VAL A 294 -23.91 -5.67 8.08
CA VAL A 294 -24.44 -5.29 9.43
C VAL A 294 -25.45 -6.36 9.86
N ASP A 295 -25.24 -6.91 11.06
CA ASP A 295 -26.19 -7.90 11.62
C ASP A 295 -26.22 -9.09 10.66
N GLY A 296 -25.10 -9.38 9.97
CA GLY A 296 -25.01 -10.59 9.14
C GLY A 296 -25.54 -10.43 7.73
N GLU A 297 -25.97 -9.20 7.38
CA GLU A 297 -26.75 -8.88 6.17
C GLU A 297 -26.08 -7.73 5.40
N LEU A 298 -26.23 -7.72 4.08
CA LEU A 298 -25.76 -6.55 3.28
C LEU A 298 -26.67 -5.34 3.53
N MET A 299 -26.07 -4.21 3.96
CA MET A 299 -26.72 -2.90 4.01
C MET A 299 -26.13 -2.03 2.89
N SER A 300 -27.02 -1.57 2.03
CA SER A 300 -26.72 -0.72 0.87
C SER A 300 -26.69 0.74 1.33
N LEU A 301 -25.64 1.50 1.07
CA LEU A 301 -25.65 2.90 1.53
C LEU A 301 -25.81 3.87 0.36
N ASN A 302 -26.18 5.11 0.70
CA ASN A 302 -26.44 6.14 -0.34
C ASN A 302 -25.09 6.75 -0.70
N ALA A 303 -24.29 7.02 0.32
CA ALA A 303 -22.99 7.70 0.10
C ALA A 303 -22.10 6.81 -0.76
N THR A 304 -21.22 7.41 -1.55
CA THR A 304 -20.23 6.70 -2.38
C THR A 304 -18.90 6.56 -1.62
N TRP A 305 -17.99 5.75 -2.16
CA TRP A 305 -16.64 5.64 -1.60
C TRP A 305 -15.92 6.99 -1.70
N GLY A 306 -16.12 7.72 -2.79
CA GLY A 306 -15.62 9.11 -2.88
C GLY A 306 -16.12 9.96 -1.76
N ASP A 307 -17.41 9.86 -1.43
CA ASP A 307 -17.95 10.55 -0.24
C ASP A 307 -17.21 10.16 1.03
N PHE A 308 -16.90 8.86 1.22
CA PHE A 308 -16.19 8.39 2.40
C PHE A 308 -14.85 9.15 2.55
N ILE A 309 -14.11 9.24 1.47
CA ILE A 309 -12.80 9.98 1.44
C ILE A 309 -13.08 11.46 1.80
N ASP A 310 -13.98 12.11 1.05
CA ASP A 310 -14.26 13.56 1.19
C ASP A 310 -14.66 13.91 2.63
N SER A 311 -15.34 12.98 3.32
CA SER A 311 -15.74 13.09 4.74
C SER A 311 -14.54 13.39 5.65
N ARG A 312 -13.30 13.11 5.22
CA ARG A 312 -12.08 13.06 6.09
C ARG A 312 -11.03 14.08 5.63
#